data_1S4J
#
_entry.id   1S4J
#
_entity_poly.entity_id   1
_entity_poly.type   'polypeptide(L)'
_entity_poly.pdbx_seq_one_letter_code
;EESDDDMGFGLFD
;
_entity_poly.pdbx_strand_id   A
#
# COMPACT_ATOMS: atom_id res chain seq x y z
N GLU A 1 4.16 1.26 7.48
CA GLU A 1 4.46 1.80 6.13
C GLU A 1 4.82 0.66 5.17
N GLU A 2 4.16 0.66 4.00
CA GLU A 2 4.40 -0.36 2.97
C GLU A 2 4.74 0.29 1.62
N SER A 3 3.75 0.98 1.02
CA SER A 3 3.89 1.69 -0.28
C SER A 3 4.40 0.78 -1.41
N ASP A 4 4.41 -0.53 -1.16
CA ASP A 4 4.83 -1.52 -2.16
C ASP A 4 3.72 -1.71 -3.19
N ASP A 5 2.62 -0.98 -2.95
CA ASP A 5 1.44 -1.01 -3.80
C ASP A 5 1.02 0.42 -4.18
N ASP A 6 0.53 1.16 -3.17
CA ASP A 6 0.10 2.55 -3.32
C ASP A 6 0.39 3.34 -2.05
N MET A 7 -0.01 2.75 -0.92
CA MET A 7 0.18 3.32 0.41
C MET A 7 0.70 2.26 1.39
N GLY A 8 0.68 2.57 2.69
CA GLY A 8 1.12 1.62 3.72
C GLY A 8 0.12 0.51 3.94
N PHE A 9 -0.86 0.43 3.02
CA PHE A 9 -1.93 -0.57 3.04
C PHE A 9 -1.49 -1.84 2.31
N GLY A 10 -2.43 -2.74 2.06
CA GLY A 10 -2.13 -3.97 1.36
C GLY A 10 -2.90 -4.11 0.06
N LEU A 11 -2.31 -3.62 -1.05
CA LEU A 11 -2.90 -3.67 -2.40
C LEU A 11 -4.26 -2.95 -2.49
N PHE A 12 -4.42 -1.89 -1.66
CA PHE A 12 -5.64 -1.08 -1.61
C PHE A 12 -5.66 -0.04 -2.74
N ASP A 13 -6.84 0.55 -2.94
CA ASP A 13 -7.05 1.57 -3.98
C ASP A 13 -7.48 2.89 -3.35
N GLU A 1 3.74 2.10 5.55
CA GLU A 1 4.63 0.97 5.93
C GLU A 1 5.03 0.18 4.68
N GLU A 2 4.06 -0.05 3.78
CA GLU A 2 4.28 -0.79 2.54
C GLU A 2 4.57 0.16 1.36
N SER A 3 3.53 0.90 0.92
CA SER A 3 3.62 1.88 -0.20
C SER A 3 4.20 1.27 -1.49
N ASP A 4 4.37 -0.06 -1.50
CA ASP A 4 4.88 -0.78 -2.68
C ASP A 4 3.75 -0.97 -3.69
N ASP A 5 2.58 -0.42 -3.33
CA ASP A 5 1.37 -0.49 -4.16
C ASP A 5 0.76 0.90 -4.32
N ASP A 6 0.31 1.47 -3.19
CA ASP A 6 -0.30 2.80 -3.15
C ASP A 6 0.08 3.53 -1.87
N MET A 7 -0.24 2.88 -0.74
CA MET A 7 0.04 3.42 0.60
C MET A 7 0.58 2.32 1.52
N GLY A 8 0.75 2.66 2.81
CA GLY A 8 1.25 1.72 3.80
C GLY A 8 0.16 0.80 4.33
N PHE A 9 -0.87 0.58 3.50
CA PHE A 9 -2.00 -0.27 3.84
C PHE A 9 -1.74 -1.73 3.43
N GLY A 10 -2.16 -2.09 2.21
CA GLY A 10 -1.96 -3.45 1.71
C GLY A 10 -2.64 -3.70 0.38
N LEU A 11 -1.95 -3.32 -0.72
CA LEU A 11 -2.44 -3.50 -2.11
C LEU A 11 -3.82 -2.84 -2.34
N PHE A 12 -3.95 -1.59 -1.84
CA PHE A 12 -5.19 -0.80 -1.99
C PHE A 12 -5.19 0.01 -3.29
N ASP A 13 -6.34 0.62 -3.58
CA ASP A 13 -6.51 1.43 -4.80
C ASP A 13 -6.93 2.86 -4.41
N GLU A 1 3.66 2.02 5.50
CA GLU A 1 4.58 0.90 5.84
C GLU A 1 4.99 0.15 4.57
N GLU A 2 3.99 -0.09 3.68
CA GLU A 2 4.21 -0.81 2.43
C GLU A 2 4.47 0.18 1.27
N SER A 3 3.40 0.91 0.84
CA SER A 3 3.48 1.90 -0.27
C SER A 3 4.07 1.33 -1.57
N ASP A 4 4.29 0.00 -1.59
CA ASP A 4 4.83 -0.67 -2.77
C ASP A 4 3.70 -0.91 -3.78
N ASP A 5 2.51 -0.40 -3.43
CA ASP A 5 1.31 -0.52 -4.25
C ASP A 5 0.65 0.84 -4.44
N ASP A 6 0.16 1.40 -3.31
CA ASP A 6 -0.50 2.72 -3.29
C ASP A 6 -0.18 3.43 -1.98
N MET A 7 -0.48 2.74 -0.88
CA MET A 7 -0.25 3.26 0.48
C MET A 7 0.41 2.21 1.37
N GLY A 8 0.66 2.60 2.64
CA GLY A 8 1.27 1.70 3.60
C GLY A 8 0.26 0.79 4.28
N PHE A 9 -0.85 0.53 3.56
CA PHE A 9 -1.93 -0.31 4.04
C PHE A 9 -1.70 -1.78 3.64
N GLY A 10 -2.04 -2.11 2.39
CA GLY A 10 -1.87 -3.48 1.90
C GLY A 10 -2.52 -3.71 0.56
N LEU A 11 -1.79 -3.37 -0.53
CA LEU A 11 -2.25 -3.52 -1.93
C LEU A 11 -3.59 -2.81 -2.20
N PHE A 12 -3.69 -1.56 -1.72
CA PHE A 12 -4.88 -0.73 -1.90
C PHE A 12 -4.81 0.09 -3.19
N ASP A 13 -5.91 0.75 -3.53
CA ASP A 13 -6.01 1.58 -4.73
C ASP A 13 -6.14 3.05 -4.36
N GLU A 1 2.91 2.85 4.97
CA GLU A 1 4.33 3.18 5.24
C GLU A 1 5.25 2.33 4.35
N GLU A 2 4.66 1.33 3.68
CA GLU A 2 5.38 0.43 2.79
C GLU A 2 5.24 0.84 1.33
N SER A 3 3.98 1.16 0.92
CA SER A 3 3.63 1.60 -0.45
C SER A 3 4.04 0.59 -1.53
N ASP A 4 4.30 -0.66 -1.09
CA ASP A 4 4.66 -1.75 -2.01
C ASP A 4 3.42 -2.21 -2.76
N ASP A 5 2.29 -1.60 -2.36
CA ASP A 5 0.98 -1.88 -2.93
C ASP A 5 0.33 -0.58 -3.41
N ASP A 6 0.10 0.34 -2.44
CA ASP A 6 -0.50 1.66 -2.69
C ASP A 6 -0.04 2.63 -1.61
N MET A 7 -0.19 2.19 -0.35
CA MET A 7 0.19 2.97 0.83
C MET A 7 0.94 2.09 1.82
N GLY A 8 0.84 0.79 1.61
CA GLY A 8 1.47 -0.19 2.49
C GLY A 8 0.45 -0.98 3.27
N PHE A 9 -0.82 -0.81 2.85
CA PHE A 9 -1.96 -1.47 3.47
C PHE A 9 -2.16 -2.89 2.90
N GLY A 10 -2.75 -2.97 1.70
CA GLY A 10 -2.97 -4.25 1.05
C GLY A 10 -3.67 -4.12 -0.28
N LEU A 11 -2.91 -3.71 -1.32
CA LEU A 11 -3.42 -3.53 -2.70
C LEU A 11 -4.65 -2.60 -2.76
N PHE A 12 -4.48 -1.36 -2.26
CA PHE A 12 -5.53 -0.35 -2.24
C PHE A 12 -5.44 0.58 -3.45
N ASP A 13 -6.45 1.43 -3.61
CA ASP A 13 -6.51 2.39 -4.72
C ASP A 13 -6.45 3.83 -4.18
N GLU A 1 4.94 0.43 7.15
CA GLU A 1 4.46 1.06 5.90
C GLU A 1 4.92 0.24 4.68
N GLU A 2 3.96 -0.05 3.79
CA GLU A 2 4.23 -0.83 2.58
C GLU A 2 4.49 0.08 1.38
N SER A 3 3.44 0.80 0.91
CA SER A 3 3.51 1.74 -0.24
C SER A 3 4.09 1.11 -1.51
N ASP A 4 4.30 -0.22 -1.48
CA ASP A 4 4.82 -0.95 -2.64
C ASP A 4 3.70 -1.19 -3.65
N ASP A 5 2.51 -0.66 -3.31
CA ASP A 5 1.32 -0.77 -4.13
C ASP A 5 0.68 0.60 -4.33
N ASP A 6 0.21 1.20 -3.21
CA ASP A 6 -0.41 2.51 -3.20
C ASP A 6 -0.04 3.28 -1.94
N MET A 7 -0.36 2.66 -0.79
CA MET A 7 -0.08 3.24 0.54
C MET A 7 0.47 2.18 1.49
N GLY A 8 0.63 2.56 2.77
CA GLY A 8 1.14 1.64 3.79
C GLY A 8 0.07 0.74 4.34
N PHE A 9 -0.96 0.48 3.51
CA PHE A 9 -2.09 -0.38 3.86
C PHE A 9 -1.80 -1.84 3.49
N GLY A 10 -2.22 -2.24 2.28
CA GLY A 10 -2.00 -3.60 1.81
C GLY A 10 -2.68 -3.90 0.49
N LEU A 11 -2.00 -3.54 -0.62
CA LEU A 11 -2.50 -3.74 -2.00
C LEU A 11 -3.89 -3.12 -2.24
N PHE A 12 -4.04 -1.86 -1.78
CA PHE A 12 -5.29 -1.10 -1.93
C PHE A 12 -5.31 -0.33 -3.25
N ASP A 13 -6.48 0.26 -3.56
CA ASP A 13 -6.67 1.04 -4.78
C ASP A 13 -7.05 2.47 -4.43
N GLU A 1 4.85 -0.18 6.90
CA GLU A 1 4.66 0.63 5.68
C GLU A 1 4.97 -0.20 4.43
N GLU A 2 4.08 -0.12 3.44
CA GLU A 2 4.23 -0.86 2.19
C GLU A 2 4.35 0.10 0.99
N SER A 3 3.23 0.82 0.68
CA SER A 3 3.17 1.80 -0.44
C SER A 3 3.60 1.21 -1.78
N ASP A 4 3.78 -0.12 -1.84
CA ASP A 4 4.15 -0.82 -3.07
C ASP A 4 2.92 -0.96 -3.97
N ASP A 5 1.80 -0.42 -3.47
CA ASP A 5 0.52 -0.45 -4.17
C ASP A 5 -0.08 0.97 -4.22
N ASP A 6 -0.38 1.50 -3.02
CA ASP A 6 -0.94 2.85 -2.87
C ASP A 6 -0.40 3.51 -1.61
N MET A 7 -0.63 2.84 -0.46
CA MET A 7 -0.19 3.32 0.85
C MET A 7 0.36 2.16 1.68
N GLY A 8 0.60 2.43 2.98
CA GLY A 8 1.12 1.41 3.89
C GLY A 8 0.04 0.48 4.41
N PHE A 9 -1.02 0.32 3.61
CA PHE A 9 -2.17 -0.52 3.95
C PHE A 9 -1.94 -1.96 3.45
N GLY A 10 -2.51 -2.29 2.28
CA GLY A 10 -2.35 -3.63 1.72
C GLY A 10 -3.14 -3.82 0.43
N LEU A 11 -2.54 -3.43 -0.71
CA LEU A 11 -3.14 -3.56 -2.06
C LEU A 11 -4.52 -2.86 -2.16
N PHE A 12 -4.58 -1.61 -1.68
CA PHE A 12 -5.80 -0.80 -1.72
C PHE A 12 -5.88 0.04 -3.00
N ASP A 13 -4.92 -0.22 -3.91
CA ASP A 13 -4.85 0.48 -5.20
C ASP A 13 -5.58 -0.34 -6.28
N GLU A 1 4.47 0.45 7.30
CA GLU A 1 4.43 1.17 6.00
C GLU A 1 4.90 0.26 4.86
N GLU A 2 4.11 0.21 3.78
CA GLU A 2 4.42 -0.61 2.61
C GLU A 2 4.62 0.25 1.37
N SER A 3 3.51 0.88 0.88
CA SER A 3 3.51 1.75 -0.32
C SER A 3 4.11 1.10 -1.57
N ASP A 4 4.37 -0.22 -1.48
CA ASP A 4 4.92 -1.00 -2.61
C ASP A 4 3.79 -1.30 -3.60
N ASP A 5 2.60 -0.79 -3.26
CA ASP A 5 1.39 -0.97 -4.08
C ASP A 5 0.71 0.38 -4.31
N ASP A 6 0.27 1.00 -3.20
CA ASP A 6 -0.39 2.31 -3.23
C ASP A 6 -0.02 3.12 -1.99
N MET A 7 -0.33 2.54 -0.82
CA MET A 7 -0.04 3.17 0.48
C MET A 7 0.49 2.12 1.47
N GLY A 8 0.59 2.53 2.75
CA GLY A 8 1.08 1.63 3.80
C GLY A 8 -0.01 0.71 4.33
N PHE A 9 -1.01 0.46 3.47
CA PHE A 9 -2.15 -0.39 3.79
C PHE A 9 -1.87 -1.85 3.40
N GLY A 10 -2.28 -2.23 2.18
CA GLY A 10 -2.06 -3.59 1.70
C GLY A 10 -2.78 -3.87 0.40
N LEU A 11 -2.14 -3.50 -0.73
CA LEU A 11 -2.69 -3.69 -2.10
C LEU A 11 -4.08 -3.06 -2.28
N PHE A 12 -4.23 -1.82 -1.80
CA PHE A 12 -5.48 -1.06 -1.90
C PHE A 12 -5.53 -0.26 -3.19
N ASP A 13 -6.72 0.30 -3.47
CA ASP A 13 -6.95 1.11 -4.68
C ASP A 13 -7.19 2.57 -4.30
N GLU A 1 5.41 0.05 6.77
CA GLU A 1 4.70 0.67 5.62
C GLU A 1 5.04 -0.06 4.32
N GLU A 2 4.01 -0.29 3.50
CA GLU A 2 4.17 -0.99 2.22
C GLU A 2 4.32 0.00 1.06
N SER A 3 3.25 0.76 0.74
CA SER A 3 3.23 1.77 -0.34
C SER A 3 3.67 1.21 -1.70
N ASP A 4 3.83 -0.12 -1.79
CA ASP A 4 4.22 -0.79 -3.04
C ASP A 4 3.00 -0.91 -3.95
N ASP A 5 1.87 -0.37 -3.45
CA ASP A 5 0.60 -0.38 -4.17
C ASP A 5 0.01 1.03 -4.20
N ASP A 6 -0.32 1.55 -3.01
CA ASP A 6 -0.89 2.89 -2.83
C ASP A 6 -0.36 3.54 -1.55
N MET A 7 -0.60 2.85 -0.44
CA MET A 7 -0.17 3.31 0.90
C MET A 7 0.39 2.15 1.72
N GLY A 8 0.65 2.41 3.01
CA GLY A 8 1.18 1.39 3.91
C GLY A 8 0.10 0.45 4.44
N PHE A 9 -0.97 0.30 3.65
CA PHE A 9 -2.10 -0.55 3.99
C PHE A 9 -1.88 -1.98 3.48
N GLY A 10 -2.44 -2.31 2.31
CA GLY A 10 -2.29 -3.64 1.74
C GLY A 10 -3.06 -3.83 0.45
N LEU A 11 -2.45 -3.42 -0.68
CA LEU A 11 -3.04 -3.53 -2.03
C LEU A 11 -4.43 -2.86 -2.14
N PHE A 12 -4.50 -1.59 -1.70
CA PHE A 12 -5.72 -0.79 -1.75
C PHE A 12 -5.82 0.03 -3.03
N ASP A 13 -4.84 -0.20 -3.94
CA ASP A 13 -4.78 0.49 -5.22
C ASP A 13 -5.46 -0.34 -6.31
N GLU A 1 4.00 1.22 7.58
CA GLU A 1 4.41 1.75 6.26
C GLU A 1 4.66 0.60 5.27
N GLU A 2 4.05 0.71 4.08
CA GLU A 2 4.19 -0.30 3.03
C GLU A 2 4.64 0.34 1.71
N SER A 3 3.73 1.12 1.07
CA SER A 3 3.98 1.83 -0.21
C SER A 3 4.47 0.89 -1.33
N ASP A 4 4.42 -0.43 -1.08
CA ASP A 4 4.82 -1.43 -2.07
C ASP A 4 3.71 -1.58 -3.11
N ASP A 5 2.64 -0.81 -2.91
CA ASP A 5 1.47 -0.80 -3.80
C ASP A 5 1.12 0.64 -4.18
N ASP A 6 0.60 1.40 -3.19
CA ASP A 6 0.21 2.80 -3.37
C ASP A 6 0.44 3.59 -2.09
N MET A 7 0.03 2.98 -0.98
CA MET A 7 0.18 3.57 0.36
C MET A 7 0.71 2.53 1.35
N GLY A 8 0.69 2.87 2.65
CA GLY A 8 1.15 1.97 3.70
C GLY A 8 0.17 0.83 3.96
N PHE A 9 -0.76 0.65 3.01
CA PHE A 9 -1.79 -0.38 3.06
C PHE A 9 -1.29 -1.65 2.38
N GLY A 10 -2.22 -2.52 1.97
CA GLY A 10 -1.85 -3.77 1.32
C GLY A 10 -2.70 -4.03 0.09
N LEU A 11 -2.22 -3.56 -1.09
CA LEU A 11 -2.90 -3.70 -2.39
C LEU A 11 -4.09 -2.73 -2.50
N PHE A 12 -4.55 -2.25 -1.33
CA PHE A 12 -5.66 -1.30 -1.23
C PHE A 12 -5.30 0.08 -1.78
N ASP A 13 -6.14 0.58 -2.68
CA ASP A 13 -5.94 1.89 -3.32
C ASP A 13 -6.84 2.94 -2.67
N GLU A 1 4.54 2.25 5.42
CA GLU A 1 5.58 1.22 5.68
C GLU A 1 5.72 0.29 4.46
N GLU A 2 4.66 0.24 3.66
CA GLU A 2 4.62 -0.61 2.45
C GLU A 2 4.73 0.24 1.18
N SER A 3 3.64 0.99 0.84
CA SER A 3 3.58 1.87 -0.35
C SER A 3 3.91 1.13 -1.65
N ASP A 4 3.95 -0.21 -1.58
CA ASP A 4 4.22 -1.06 -2.76
C ASP A 4 2.98 -1.08 -3.66
N ASP A 5 1.92 -0.41 -3.16
CA ASP A 5 0.64 -0.30 -3.85
C ASP A 5 0.26 1.17 -3.98
N ASP A 6 0.03 1.81 -2.81
CA ASP A 6 -0.34 3.22 -2.71
C ASP A 6 0.21 3.83 -1.43
N MET A 7 -0.14 3.16 -0.31
CA MET A 7 0.28 3.56 1.04
C MET A 7 0.67 2.33 1.84
N GLY A 8 0.64 2.44 3.19
CA GLY A 8 0.97 1.33 4.08
C GLY A 8 -0.15 0.30 4.16
N PHE A 9 -0.99 0.30 3.11
CA PHE A 9 -2.13 -0.59 2.98
C PHE A 9 -1.73 -1.87 2.23
N GLY A 10 -2.72 -2.57 1.67
CA GLY A 10 -2.44 -3.79 0.94
C GLY A 10 -3.32 -3.95 -0.29
N LEU A 11 -2.86 -3.38 -1.44
CA LEU A 11 -3.57 -3.44 -2.74
C LEU A 11 -5.00 -2.85 -2.68
N PHE A 12 -5.12 -1.68 -2.01
CA PHE A 12 -6.41 -0.98 -1.87
C PHE A 12 -6.62 0.00 -3.03
N ASP A 13 -5.56 0.23 -3.81
CA ASP A 13 -5.59 1.12 -4.96
C ASP A 13 -5.13 0.40 -6.22
N GLU A 1 4.89 -0.58 6.90
CA GLU A 1 4.77 0.32 5.73
C GLU A 1 4.91 -0.49 4.42
N GLU A 2 3.97 -0.23 3.49
CA GLU A 2 3.96 -0.92 2.19
C GLU A 2 4.17 0.08 1.04
N SER A 3 3.12 0.87 0.69
CA SER A 3 3.16 1.87 -0.40
C SER A 3 3.66 1.29 -1.74
N ASP A 4 3.78 -0.05 -1.79
CA ASP A 4 4.20 -0.74 -3.01
C ASP A 4 3.02 -0.83 -3.99
N ASP A 5 1.89 -0.28 -3.53
CA ASP A 5 0.65 -0.24 -4.30
C ASP A 5 0.11 1.18 -4.36
N ASP A 6 -0.26 1.70 -3.16
CA ASP A 6 -0.78 3.06 -3.01
C ASP A 6 -0.32 3.65 -1.67
N MET A 7 -0.74 3.00 -0.59
CA MET A 7 -0.40 3.42 0.77
C MET A 7 0.26 2.29 1.55
N GLY A 8 0.61 2.59 2.82
CA GLY A 8 1.25 1.61 3.68
C GLY A 8 0.26 0.69 4.37
N PHE A 9 -0.85 0.40 3.66
CA PHE A 9 -1.91 -0.46 4.15
C PHE A 9 -1.71 -1.90 3.67
N GLY A 10 -2.23 -2.22 2.47
CA GLY A 10 -2.09 -3.56 1.91
C GLY A 10 -2.88 -3.76 0.64
N LEU A 11 -2.27 -3.39 -0.51
CA LEU A 11 -2.87 -3.53 -1.86
C LEU A 11 -4.25 -2.84 -1.97
N PHE A 12 -4.29 -1.56 -1.54
CA PHE A 12 -5.51 -0.74 -1.58
C PHE A 12 -5.58 0.06 -2.88
N ASP A 13 -4.66 -0.25 -3.81
CA ASP A 13 -4.59 0.42 -5.11
C ASP A 13 -5.37 -0.39 -6.15
N GLU A 1 4.90 0.98 7.51
CA GLU A 1 4.43 1.39 6.16
C GLU A 1 4.76 0.33 5.12
N GLU A 2 4.13 0.46 3.94
CA GLU A 2 4.33 -0.48 2.83
C GLU A 2 4.71 0.27 1.55
N SER A 3 3.71 0.97 0.94
CA SER A 3 3.89 1.76 -0.31
C SER A 3 4.44 0.94 -1.49
N ASP A 4 4.66 -0.36 -1.26
CA ASP A 4 5.14 -1.27 -2.31
C ASP A 4 3.98 -1.65 -3.23
N ASP A 5 2.81 -1.10 -2.89
CA ASP A 5 1.57 -1.33 -3.64
C ASP A 5 0.78 -0.03 -3.75
N ASP A 6 0.16 0.37 -2.62
CA ASP A 6 -0.63 1.59 -2.51
C ASP A 6 -0.66 2.01 -1.04
N MET A 7 0.25 2.96 -0.67
CA MET A 7 0.39 3.47 0.70
C MET A 7 0.83 2.36 1.67
N GLY A 8 0.79 2.66 2.98
CA GLY A 8 1.17 1.69 4.01
C GLY A 8 0.12 0.59 4.18
N PHE A 9 -0.81 0.54 3.22
CA PHE A 9 -1.89 -0.43 3.19
C PHE A 9 -1.43 -1.73 2.51
N GLY A 10 -2.40 -2.56 2.08
CA GLY A 10 -2.07 -3.81 1.42
C GLY A 10 -2.84 -4.01 0.14
N LEU A 11 -2.26 -3.53 -0.99
CA LEU A 11 -2.85 -3.64 -2.33
C LEU A 11 -4.26 -3.00 -2.44
N PHE A 12 -4.42 -1.82 -1.80
CA PHE A 12 -5.68 -1.08 -1.81
C PHE A 12 -5.77 -0.14 -3.01
N ASP A 13 -6.97 0.38 -3.25
CA ASP A 13 -7.24 1.30 -4.37
C ASP A 13 -7.34 2.73 -3.86
N GLU A 1 0.54 5.32 1.48
CA GLU A 1 0.34 6.03 0.19
C GLU A 1 0.78 5.15 -0.99
N GLU A 2 1.41 4.01 -0.65
CA GLU A 2 1.90 3.06 -1.66
C GLU A 2 1.11 1.75 -1.59
N SER A 3 0.82 1.29 -0.35
CA SER A 3 0.07 0.04 -0.07
C SER A 3 0.67 -1.18 -0.75
N ASP A 4 0.19 -2.39 -0.32
CA ASP A 4 0.66 -3.70 -0.82
C ASP A 4 2.19 -3.79 -0.93
N ASP A 5 2.87 -2.80 -0.33
CA ASP A 5 4.33 -2.72 -0.34
C ASP A 5 4.92 -3.23 0.99
N ASP A 6 4.83 -2.39 2.04
CA ASP A 6 5.36 -2.74 3.37
C ASP A 6 4.38 -2.33 4.48
N MET A 7 3.32 -1.61 4.09
CA MET A 7 2.30 -1.13 5.05
C MET A 7 1.27 -2.24 5.33
N GLY A 8 0.40 -1.98 6.33
CA GLY A 8 -0.64 -2.94 6.71
C GLY A 8 -1.84 -2.89 5.77
N PHE A 9 -1.61 -2.32 4.58
CA PHE A 9 -2.61 -2.16 3.55
C PHE A 9 -2.60 -3.35 2.59
N GLY A 10 -3.53 -3.33 1.62
CA GLY A 10 -3.61 -4.40 0.65
C GLY A 10 -4.12 -3.93 -0.70
N LEU A 11 -3.18 -3.55 -1.59
CA LEU A 11 -3.47 -3.07 -2.96
C LEU A 11 -4.41 -1.85 -2.99
N PHE A 12 -4.13 -0.86 -2.13
CA PHE A 12 -4.91 0.38 -2.05
C PHE A 12 -4.37 1.44 -2.99
N ASP A 13 -5.14 2.52 -3.14
CA ASP A 13 -4.78 3.65 -4.01
C ASP A 13 -4.74 4.95 -3.19
N GLU A 1 4.07 1.38 7.57
CA GLU A 1 4.41 1.88 6.22
C GLU A 1 4.67 0.72 5.25
N GLU A 2 4.11 0.83 4.04
CA GLU A 2 4.26 -0.20 3.00
C GLU A 2 4.70 0.43 1.67
N SER A 3 3.77 1.19 1.03
CA SER A 3 4.02 1.89 -0.27
C SER A 3 4.53 0.94 -1.36
N ASP A 4 4.48 -0.37 -1.10
CA ASP A 4 4.89 -1.39 -2.08
C ASP A 4 3.81 -1.53 -3.15
N ASP A 5 2.74 -0.76 -2.95
CA ASP A 5 1.59 -0.72 -3.86
C ASP A 5 1.25 0.72 -4.20
N ASP A 6 0.79 1.47 -3.17
CA ASP A 6 0.43 2.88 -3.29
C ASP A 6 0.72 3.61 -1.97
N MET A 7 0.07 3.12 -0.91
CA MET A 7 0.21 3.68 0.44
C MET A 7 0.77 2.62 1.39
N GLY A 8 0.77 2.95 2.71
CA GLY A 8 1.25 2.02 3.73
C GLY A 8 0.28 0.88 4.01
N PHE A 9 -0.65 0.68 3.06
CA PHE A 9 -1.66 -0.35 3.13
C PHE A 9 -1.17 -1.62 2.43
N GLY A 10 -2.11 -2.49 2.04
CA GLY A 10 -1.74 -3.72 1.35
C GLY A 10 -2.60 -3.96 0.13
N LEU A 11 -2.11 -3.51 -1.06
CA LEU A 11 -2.82 -3.63 -2.37
C LEU A 11 -3.97 -2.64 -2.47
N PHE A 12 -4.42 -2.14 -1.30
CA PHE A 12 -5.51 -1.17 -1.19
C PHE A 12 -5.10 0.21 -1.73
N ASP A 13 -5.93 0.74 -2.63
CA ASP A 13 -5.69 2.05 -3.25
C ASP A 13 -6.75 3.05 -2.79
N GLU A 1 4.57 0.07 7.17
CA GLU A 1 4.49 0.84 5.89
C GLU A 1 4.90 -0.05 4.72
N GLU A 2 4.08 -0.03 3.66
CA GLU A 2 4.32 -0.82 2.45
C GLU A 2 4.50 0.08 1.23
N SER A 3 3.41 0.76 0.79
CA SER A 3 3.41 1.69 -0.37
C SER A 3 3.95 1.05 -1.66
N ASP A 4 4.16 -0.28 -1.62
CA ASP A 4 4.64 -1.02 -2.80
C ASP A 4 3.48 -1.25 -3.77
N ASP A 5 2.31 -0.73 -3.38
CA ASP A 5 1.08 -0.82 -4.16
C ASP A 5 0.45 0.56 -4.33
N ASP A 6 0.06 1.16 -3.19
CA ASP A 6 -0.56 2.49 -3.16
C ASP A 6 -0.13 3.23 -1.90
N MET A 7 -0.43 2.62 -0.74
CA MET A 7 -0.10 3.17 0.58
C MET A 7 0.44 2.08 1.51
N GLY A 8 0.60 2.43 2.80
CA GLY A 8 1.09 1.48 3.80
C GLY A 8 -0.01 0.58 4.33
N PHE A 9 -1.04 0.36 3.49
CA PHE A 9 -2.19 -0.48 3.82
C PHE A 9 -1.93 -1.94 3.41
N GLY A 10 -2.37 -2.30 2.20
CA GLY A 10 -2.18 -3.66 1.70
C GLY A 10 -2.90 -3.91 0.39
N LEU A 11 -2.25 -3.54 -0.74
CA LEU A 11 -2.78 -3.70 -2.11
C LEU A 11 -4.16 -3.03 -2.30
N PHE A 12 -4.28 -1.80 -1.77
CA PHE A 12 -5.51 -1.00 -1.87
C PHE A 12 -5.53 -0.17 -3.15
N ASP A 13 -6.70 0.45 -3.43
CA ASP A 13 -6.94 1.31 -4.62
C ASP A 13 -6.75 0.51 -5.92
N GLU A 1 4.95 0.28 7.09
CA GLU A 1 4.36 0.91 5.88
C GLU A 1 4.78 0.14 4.62
N GLU A 2 3.80 -0.13 3.75
CA GLU A 2 4.03 -0.86 2.50
C GLU A 2 4.28 0.10 1.33
N SER A 3 3.21 0.80 0.86
CA SER A 3 3.29 1.77 -0.27
C SER A 3 3.92 1.18 -1.53
N ASP A 4 4.14 -0.14 -1.54
CA ASP A 4 4.71 -0.84 -2.69
C ASP A 4 3.61 -1.10 -3.73
N ASP A 5 2.41 -0.60 -3.39
CA ASP A 5 1.23 -0.73 -4.25
C ASP A 5 0.56 0.63 -4.47
N ASP A 6 0.04 1.20 -3.37
CA ASP A 6 -0.62 2.51 -3.39
C ASP A 6 -0.37 3.23 -2.06
N MET A 7 -0.74 2.55 -0.96
CA MET A 7 -0.58 3.07 0.39
C MET A 7 0.16 2.09 1.29
N GLY A 8 0.44 2.52 2.53
CA GLY A 8 1.12 1.67 3.50
C GLY A 8 0.16 0.77 4.25
N PHE A 9 -0.97 0.46 3.59
CA PHE A 9 -2.02 -0.39 4.14
C PHE A 9 -1.78 -1.86 3.81
N GLY A 10 -2.04 -2.23 2.56
CA GLY A 10 -1.85 -3.61 2.11
C GLY A 10 -2.49 -3.90 0.78
N LEU A 11 -1.76 -3.58 -0.32
CA LEU A 11 -2.22 -3.80 -1.72
C LEU A 11 -3.56 -3.09 -2.02
N PHE A 12 -3.69 -1.86 -1.50
CA PHE A 12 -4.88 -1.02 -1.70
C PHE A 12 -4.80 -0.23 -3.01
N ASP A 13 -5.91 0.43 -3.36
CA ASP A 13 -6.00 1.24 -4.57
C ASP A 13 -6.10 2.72 -4.22
N GLU A 1 3.87 1.74 5.38
CA GLU A 1 4.76 0.57 5.60
C GLU A 1 5.04 -0.14 4.26
N GLU A 2 4.00 -0.28 3.45
CA GLU A 2 4.10 -0.93 2.13
C GLU A 2 4.30 0.09 1.01
N SER A 3 3.25 0.88 0.71
CA SER A 3 3.26 1.94 -0.34
C SER A 3 3.71 1.41 -1.71
N ASP A 4 3.84 0.07 -1.83
CA ASP A 4 4.22 -0.57 -3.10
C ASP A 4 3.01 -0.63 -4.03
N ASP A 5 1.89 -0.08 -3.53
CA ASP A 5 0.62 -0.03 -4.25
C ASP A 5 0.06 1.38 -4.26
N ASP A 6 -0.28 1.88 -3.05
CA ASP A 6 -0.81 3.23 -2.86
C ASP A 6 -0.30 3.83 -1.55
N MET A 7 -0.58 3.12 -0.45
CA MET A 7 -0.17 3.53 0.90
C MET A 7 0.41 2.34 1.68
N GLY A 8 0.69 2.58 2.97
CA GLY A 8 1.23 1.53 3.84
C GLY A 8 0.15 0.61 4.38
N PHE A 9 -0.94 0.48 3.61
CA PHE A 9 -2.07 -0.37 3.96
C PHE A 9 -1.88 -1.80 3.43
N GLY A 10 -2.42 -2.09 2.24
CA GLY A 10 -2.28 -3.41 1.64
C GLY A 10 -3.06 -3.57 0.36
N LEU A 11 -2.44 -3.15 -0.77
CA LEU A 11 -3.03 -3.22 -2.13
C LEU A 11 -4.40 -2.51 -2.23
N PHE A 12 -4.45 -1.27 -1.71
CA PHE A 12 -5.66 -0.44 -1.72
C PHE A 12 -5.71 0.42 -2.99
N ASP A 13 -4.78 0.15 -3.91
CA ASP A 13 -4.69 0.88 -5.18
C ASP A 13 -5.46 0.13 -6.28
N GLU A 1 4.95 0.82 7.28
CA GLU A 1 4.54 1.40 5.98
C GLU A 1 5.12 0.57 4.82
N GLU A 2 4.24 0.16 3.90
CA GLU A 2 4.63 -0.64 2.74
C GLU A 2 4.80 0.24 1.50
N SER A 3 3.68 0.83 1.03
CA SER A 3 3.64 1.73 -0.16
C SER A 3 4.22 1.10 -1.44
N ASP A 4 4.64 -0.17 -1.35
CA ASP A 4 5.17 -0.90 -2.50
C ASP A 4 4.02 -1.42 -3.37
N ASP A 5 2.80 -1.05 -2.93
CA ASP A 5 1.56 -1.43 -3.62
C ASP A 5 0.60 -0.25 -3.66
N ASP A 6 0.04 0.09 -2.49
CA ASP A 6 -0.90 1.20 -2.31
C ASP A 6 -0.87 1.66 -0.86
N MET A 7 0.08 2.57 -0.54
CA MET A 7 0.29 3.12 0.82
C MET A 7 0.72 2.03 1.81
N GLY A 8 0.75 2.39 3.10
CA GLY A 8 1.13 1.44 4.15
C GLY A 8 -0.02 0.53 4.55
N PHE A 9 -1.00 0.39 3.63
CA PHE A 9 -2.18 -0.43 3.81
C PHE A 9 -1.92 -1.88 3.36
N GLY A 10 -2.42 -2.24 2.17
CA GLY A 10 -2.21 -3.58 1.64
C GLY A 10 -2.93 -3.82 0.33
N LEU A 11 -2.29 -3.38 -0.78
CA LEU A 11 -2.82 -3.52 -2.15
C LEU A 11 -4.25 -2.96 -2.31
N PHE A 12 -4.41 -1.67 -1.98
CA PHE A 12 -5.70 -0.98 -2.06
C PHE A 12 -5.83 -0.22 -3.39
N ASP A 13 -7.03 0.32 -3.62
CA ASP A 13 -7.33 1.08 -4.85
C ASP A 13 -7.36 2.57 -4.55
N GLU A 1 3.90 1.96 5.36
CA GLU A 1 5.04 1.04 5.61
C GLU A 1 5.42 0.29 4.33
N GLU A 2 4.40 0.02 3.50
CA GLU A 2 4.60 -0.70 2.24
C GLU A 2 4.67 0.28 1.05
N SER A 3 3.53 0.94 0.77
CA SER A 3 3.39 1.94 -0.34
C SER A 3 3.79 1.40 -1.71
N ASP A 4 4.14 0.11 -1.77
CA ASP A 4 4.52 -0.54 -3.04
C ASP A 4 3.25 -0.92 -3.80
N ASP A 5 2.10 -0.53 -3.22
CA ASP A 5 0.78 -0.79 -3.79
C ASP A 5 -0.12 0.44 -3.63
N ASP A 6 -0.56 0.67 -2.38
CA ASP A 6 -1.42 1.81 -2.02
C ASP A 6 -1.21 2.13 -0.53
N MET A 7 -0.15 2.93 -0.25
CA MET A 7 0.23 3.34 1.13
C MET A 7 0.66 2.13 1.96
N GLY A 8 0.76 2.32 3.29
CA GLY A 8 1.15 1.24 4.20
C GLY A 8 -0.01 0.34 4.54
N PHE A 9 -1.02 0.32 3.65
CA PHE A 9 -2.23 -0.48 3.80
C PHE A 9 -2.03 -1.88 3.19
N GLY A 10 -2.68 -2.14 2.04
CA GLY A 10 -2.55 -3.44 1.39
C GLY A 10 -3.35 -3.55 0.10
N LEU A 11 -2.75 -3.08 -1.02
CA LEU A 11 -3.37 -3.10 -2.36
C LEU A 11 -4.77 -2.44 -2.39
N PHE A 12 -4.81 -1.16 -1.99
CA PHE A 12 -6.06 -0.38 -1.96
C PHE A 12 -6.20 0.48 -3.22
N ASP A 13 -5.22 0.32 -4.14
CA ASP A 13 -5.21 1.05 -5.41
C ASP A 13 -5.84 0.21 -6.52
N GLU A 1 5.06 0.46 7.11
CA GLU A 1 4.87 1.18 5.82
C GLU A 1 5.31 0.30 4.65
N GLU A 2 4.42 0.16 3.66
CA GLU A 2 4.67 -0.65 2.46
C GLU A 2 4.73 0.22 1.21
N SER A 3 3.57 0.80 0.81
CA SER A 3 3.44 1.69 -0.38
C SER A 3 3.97 1.04 -1.67
N ASP A 4 4.22 -0.29 -1.60
CA ASP A 4 4.69 -1.04 -2.78
C ASP A 4 3.51 -1.30 -3.73
N ASP A 5 2.34 -0.80 -3.29
CA ASP A 5 1.09 -0.92 -4.05
C ASP A 5 0.44 0.45 -4.21
N ASP A 6 0.08 1.06 -3.06
CA ASP A 6 -0.54 2.39 -3.01
C ASP A 6 -0.10 3.12 -1.74
N MET A 7 -0.36 2.49 -0.60
CA MET A 7 -0.01 3.03 0.73
C MET A 7 0.54 1.91 1.62
N GLY A 8 0.67 2.21 2.93
CA GLY A 8 1.17 1.24 3.90
C GLY A 8 0.08 0.31 4.39
N PHE A 9 -0.97 0.16 3.56
CA PHE A 9 -2.11 -0.69 3.84
C PHE A 9 -1.91 -2.10 3.28
N GLY A 10 -2.54 -2.39 2.13
CA GLY A 10 -2.39 -3.71 1.51
C GLY A 10 -3.14 -3.81 0.20
N LEU A 11 -2.49 -3.38 -0.90
CA LEU A 11 -3.05 -3.39 -2.27
C LEU A 11 -4.09 -2.28 -2.47
N PHE A 12 -5.21 -2.37 -1.72
CA PHE A 12 -6.33 -1.40 -1.74
C PHE A 12 -6.56 -0.74 -3.11
N ASP A 13 -5.74 0.28 -3.40
CA ASP A 13 -5.83 1.03 -4.67
C ASP A 13 -4.65 0.66 -5.58
#